data_8DZD
#
_entry.id   8DZD
#
_cell.length_a   98.463
_cell.length_b   98.463
_cell.length_c   45.581
_cell.angle_alpha   90.000
_cell.angle_beta   90.000
_cell.angle_gamma   120.000
#
_symmetry.space_group_name_H-M   'P 6'
#
loop_
_entity.id
_entity.type
_entity.pdbx_description
1 polymer MS3494
2 branched beta-D-fructofuranose-(2-1)-alpha-D-glucopyranose
3 non-polymer 'ACETATE ION'
4 water water
#
_entity_poly.entity_id   1
_entity_poly.type   'polypeptide(L)'
_entity_poly.pdbx_seq_one_letter_code
;ADATDDYPIPNRIMRTPCTAEQIMAAARDVEPVYYERYMTDYKNKPPHVQQAARDRIHWFFSMDYAGRRQYSENTATDAF
FEQLAWMWPNWAKLFFNNKGVAANTTDVCEQYPPDDMSVWNWDDDDK
;
_entity_poly.pdbx_strand_id   A,B
#
# COMPACT_ATOMS: atom_id res chain seq x y z
N ASP A 2 10.30 -18.52 -7.22
CA ASP A 2 11.44 -17.56 -7.03
C ASP A 2 11.77 -17.40 -5.54
N ALA A 3 10.80 -17.58 -4.62
CA ALA A 3 11.15 -17.58 -3.20
C ALA A 3 11.85 -18.90 -2.84
N THR A 4 12.72 -18.84 -1.84
CA THR A 4 13.22 -20.03 -1.16
C THR A 4 12.42 -20.17 0.14
N ASP A 5 12.73 -21.23 0.90
CA ASP A 5 12.12 -21.49 2.19
C ASP A 5 12.33 -20.34 3.18
N ASP A 6 13.45 -19.62 3.06
CA ASP A 6 13.85 -18.60 4.02
C ASP A 6 14.02 -17.22 3.39
N TYR A 7 13.88 -17.07 2.08
CA TYR A 7 14.09 -15.79 1.43
C TYR A 7 12.99 -15.55 0.39
N PRO A 8 12.38 -14.35 0.31
CA PRO A 8 12.69 -13.19 1.15
C PRO A 8 12.19 -13.21 2.60
N ILE A 9 11.23 -14.09 2.91
CA ILE A 9 10.67 -14.15 4.24
C ILE A 9 11.11 -15.43 4.94
N PRO A 10 11.73 -15.33 6.14
CA PRO A 10 12.14 -16.50 6.90
C PRO A 10 11.00 -17.48 7.10
N ASN A 11 11.35 -18.76 6.98
CA ASN A 11 10.37 -19.82 7.15
C ASN A 11 9.65 -19.70 8.49
N ARG A 12 10.40 -19.44 9.56
CA ARG A 12 9.81 -19.39 10.91
C ARG A 12 8.76 -18.28 11.03
N ILE A 13 8.98 -17.17 10.31
CA ILE A 13 8.08 -16.04 10.31
C ILE A 13 6.81 -16.36 9.52
N MET A 14 6.93 -17.17 8.44
CA MET A 14 5.75 -17.58 7.70
C MET A 14 4.89 -18.58 8.51
N ARG A 15 5.50 -19.26 9.49
CA ARG A 15 4.82 -20.28 10.26
C ARG A 15 4.34 -19.83 11.64
N THR A 16 4.89 -18.73 12.18
CA THR A 16 4.62 -18.39 13.57
C THR A 16 3.15 -18.04 13.79
N PRO A 17 2.51 -18.47 14.90
CA PRO A 17 1.19 -17.94 15.29
C PRO A 17 1.22 -16.57 15.97
N CYS A 18 2.41 -16.01 16.19
CA CYS A 18 2.56 -14.79 16.96
C CYS A 18 2.11 -13.56 16.17
N THR A 19 1.73 -12.51 16.93
CA THR A 19 1.50 -11.19 16.37
C THR A 19 2.83 -10.48 16.15
N ALA A 20 2.76 -9.34 15.46
CA ALA A 20 3.90 -8.46 15.31
C ALA A 20 4.43 -8.05 16.69
N GLU A 21 3.50 -7.72 17.59
CA GLU A 21 3.87 -7.19 18.90
C GLU A 21 4.53 -8.26 19.76
N GLN A 22 4.13 -9.53 19.58
CA GLN A 22 4.82 -10.62 20.25
C GLN A 22 6.26 -10.76 19.75
N ILE A 23 6.47 -10.70 18.43
CA ILE A 23 7.81 -10.83 17.87
C ILE A 23 8.66 -9.66 18.32
N MET A 24 8.07 -8.46 18.34
CA MET A 24 8.84 -7.29 18.72
C MET A 24 9.26 -7.35 20.20
N ALA A 25 8.34 -7.73 21.08
CA ALA A 25 8.66 -7.89 22.49
C ALA A 25 9.76 -8.91 22.70
N ALA A 26 9.69 -10.03 21.96
CA ALA A 26 10.76 -11.03 21.97
C ALA A 26 12.07 -10.41 21.51
N ALA A 27 12.06 -9.67 20.39
CA ALA A 27 13.27 -9.07 19.87
C ALA A 27 13.90 -8.14 20.92
N ARG A 28 13.05 -7.37 21.62
CA ARG A 28 13.50 -6.42 22.63
C ARG A 28 14.37 -7.16 23.67
N ASP A 29 14.05 -8.43 23.95
CA ASP A 29 14.77 -9.22 24.94
C ASP A 29 15.91 -10.05 24.33
N VAL A 30 15.71 -10.73 23.20
CA VAL A 30 16.66 -11.72 22.72
C VAL A 30 17.43 -11.25 21.49
N GLU A 31 16.93 -10.20 20.79
CA GLU A 31 17.65 -9.58 19.68
C GLU A 31 17.63 -8.07 19.83
N PRO A 32 18.13 -7.52 20.97
CA PRO A 32 17.97 -6.10 21.25
C PRO A 32 18.63 -5.18 20.24
N VAL A 33 19.76 -5.61 19.63
CA VAL A 33 20.39 -4.76 18.63
C VAL A 33 19.49 -4.60 17.40
N TYR A 34 18.93 -5.71 16.91
CA TYR A 34 17.94 -5.64 15.83
C TYR A 34 16.74 -4.75 16.18
N TYR A 35 16.22 -4.88 17.43
CA TYR A 35 15.06 -4.10 17.82
C TYR A 35 15.41 -2.60 17.79
N GLU A 36 16.56 -2.23 18.36
N GLU A 36 16.56 -2.23 18.37
CA GLU A 36 16.96 -0.83 18.48
CA GLU A 36 16.99 -0.84 18.47
C GLU A 36 17.28 -0.23 17.11
C GLU A 36 17.28 -0.23 17.10
N ARG A 37 17.88 -1.00 16.20
CA ARG A 37 18.13 -0.52 14.84
C ARG A 37 16.81 -0.24 14.12
N TYR A 38 15.87 -1.17 14.29
CA TYR A 38 14.57 -1.02 13.65
C TYR A 38 13.82 0.20 14.20
N MET A 39 13.78 0.35 15.54
CA MET A 39 13.02 1.45 16.13
C MET A 39 13.66 2.80 15.83
N THR A 40 15.00 2.85 15.73
CA THR A 40 15.71 4.07 15.32
C THR A 40 15.27 4.49 13.91
N ASP A 41 15.22 3.51 13.00
CA ASP A 41 14.75 3.72 11.63
C ASP A 41 13.29 4.19 11.61
N TYR A 42 12.43 3.45 12.29
CA TYR A 42 11.00 3.74 12.40
C TYR A 42 10.75 5.17 12.92
N LYS A 43 11.44 5.58 13.98
N LYS A 43 11.44 5.58 13.98
CA LYS A 43 11.16 6.86 14.61
CA LYS A 43 11.17 6.86 14.60
C LYS A 43 11.56 8.03 13.69
C LYS A 43 11.56 8.03 13.69
N ASN A 44 12.47 7.80 12.73
CA ASN A 44 12.83 8.81 11.74
C ASN A 44 11.84 8.91 10.58
N LYS A 45 10.78 8.12 10.56
CA LYS A 45 9.84 8.18 9.45
C LYS A 45 8.69 9.10 9.80
N PRO A 46 8.05 9.74 8.80
CA PRO A 46 6.84 10.53 9.05
C PRO A 46 5.72 9.66 9.62
N PRO A 47 4.74 10.26 10.34
CA PRO A 47 3.63 9.50 10.93
C PRO A 47 2.84 8.63 9.94
N HIS A 48 2.62 9.11 8.72
CA HIS A 48 1.86 8.34 7.73
C HIS A 48 2.62 7.07 7.33
N VAL A 49 3.96 7.12 7.34
CA VAL A 49 4.77 5.97 7.02
C VAL A 49 4.80 4.98 8.19
N GLN A 50 4.98 5.49 9.40
CA GLN A 50 4.87 4.69 10.62
C GLN A 50 3.56 3.91 10.67
N GLN A 51 2.45 4.59 10.42
CA GLN A 51 1.14 4.00 10.46
C GLN A 51 1.00 2.91 9.38
N ALA A 52 1.51 3.19 8.18
CA ALA A 52 1.44 2.24 7.07
C ALA A 52 2.22 0.96 7.38
N ALA A 53 3.40 1.10 8.00
CA ALA A 53 4.19 -0.07 8.38
C ALA A 53 3.44 -0.90 9.42
N ARG A 54 2.89 -0.26 10.47
CA ARG A 54 2.09 -0.99 11.46
C ARG A 54 0.90 -1.72 10.79
N ASP A 55 0.17 -0.99 9.93
CA ASP A 55 -0.99 -1.58 9.26
C ASP A 55 -0.58 -2.79 8.42
N ARG A 56 0.52 -2.66 7.65
CA ARG A 56 0.96 -3.71 6.75
C ARG A 56 1.48 -4.95 7.49
N ILE A 57 2.21 -4.75 8.60
CA ILE A 57 2.71 -5.91 9.33
C ILE A 57 1.56 -6.61 10.06
N HIS A 58 0.59 -5.83 10.56
CA HIS A 58 -0.63 -6.44 11.11
C HIS A 58 -1.36 -7.27 10.05
N TRP A 59 -1.46 -6.76 8.82
CA TRP A 59 -2.06 -7.54 7.74
C TRP A 59 -1.28 -8.84 7.52
N PHE A 60 0.05 -8.75 7.46
CA PHE A 60 0.89 -9.89 7.20
C PHE A 60 0.64 -10.99 8.23
N PHE A 61 0.71 -10.65 9.53
CA PHE A 61 0.57 -11.67 10.56
C PHE A 61 -0.90 -12.10 10.73
N SER A 62 -1.85 -11.38 10.14
CA SER A 62 -3.24 -11.83 10.11
C SER A 62 -3.45 -12.98 9.12
N MET A 63 -2.51 -13.19 8.18
CA MET A 63 -2.67 -14.26 7.21
C MET A 63 -2.20 -15.58 7.83
N ASP A 64 -2.67 -16.68 7.22
CA ASP A 64 -2.13 -18.01 7.47
C ASP A 64 -0.86 -18.20 6.63
N TYR A 65 -0.23 -19.38 6.74
CA TYR A 65 1.00 -19.68 6.04
C TYR A 65 0.82 -19.44 4.54
N ALA A 66 -0.30 -19.90 3.97
CA ALA A 66 -0.52 -19.82 2.54
C ALA A 66 -0.45 -18.36 2.07
N GLY A 67 -1.11 -17.44 2.81
CA GLY A 67 -1.10 -16.03 2.46
C GLY A 67 0.30 -15.42 2.56
N ARG A 68 0.99 -15.74 3.66
CA ARG A 68 2.33 -15.26 3.90
C ARG A 68 3.30 -15.75 2.84
N ARG A 69 3.19 -17.03 2.47
CA ARG A 69 4.02 -17.62 1.44
C ARG A 69 3.75 -16.96 0.08
N GLN A 70 2.50 -16.68 -0.25
CA GLN A 70 2.16 -16.02 -1.52
C GLN A 70 2.76 -14.61 -1.57
N TYR A 71 2.76 -13.91 -0.40
CA TYR A 71 3.39 -12.61 -0.29
C TYR A 71 4.89 -12.73 -0.54
N SER A 72 5.53 -13.75 0.06
CA SER A 72 6.94 -13.99 -0.14
C SER A 72 7.25 -14.24 -1.62
N GLU A 73 6.39 -15.02 -2.28
CA GLU A 73 6.55 -15.32 -3.69
C GLU A 73 6.39 -14.06 -4.54
N ASN A 74 5.37 -13.27 -4.24
CA ASN A 74 5.10 -12.01 -4.94
C ASN A 74 6.31 -11.10 -4.85
N THR A 75 6.88 -10.94 -3.65
CA THR A 75 8.03 -10.05 -3.46
C THR A 75 9.31 -10.67 -3.99
N ALA A 76 9.45 -11.99 -4.03
CA ALA A 76 10.60 -12.64 -4.64
C ALA A 76 10.60 -12.42 -6.16
N THR A 77 9.44 -12.48 -6.80
CA THR A 77 9.37 -12.37 -8.25
C THR A 77 9.36 -10.90 -8.69
N ASP A 78 8.90 -9.99 -7.84
CA ASP A 78 8.87 -8.56 -8.16
C ASP A 78 9.32 -7.76 -6.95
N ALA A 79 10.56 -7.27 -7.00
CA ALA A 79 11.18 -6.48 -5.94
C ALA A 79 10.42 -5.19 -5.64
N PHE A 80 9.50 -4.77 -6.53
CA PHE A 80 8.75 -3.51 -6.36
C PHE A 80 7.27 -3.79 -6.13
N PHE A 81 6.93 -5.06 -5.80
CA PHE A 81 5.56 -5.47 -5.51
C PHE A 81 4.96 -4.65 -4.37
N GLU A 82 5.74 -4.51 -3.29
CA GLU A 82 5.27 -3.85 -2.07
C GLU A 82 5.37 -2.34 -2.20
N GLN A 83 4.21 -1.67 -2.21
CA GLN A 83 4.17 -0.23 -2.44
C GLN A 83 4.84 0.55 -1.28
N LEU A 84 4.78 0.03 -0.04
CA LEU A 84 5.41 0.70 1.09
C LEU A 84 6.90 0.88 0.86
N ALA A 85 7.54 -0.03 0.11
CA ALA A 85 8.96 0.04 -0.15
C ALA A 85 9.38 1.29 -0.92
N TRP A 86 8.47 1.91 -1.67
CA TRP A 86 8.78 3.19 -2.31
C TRP A 86 9.09 4.29 -1.30
N MET A 87 8.57 4.14 -0.11
CA MET A 87 8.76 5.11 0.96
C MET A 87 9.80 4.60 1.95
N TRP A 88 9.80 3.29 2.24
CA TRP A 88 10.62 2.75 3.30
C TRP A 88 10.92 1.27 3.01
N PRO A 89 11.97 0.97 2.22
CA PRO A 89 12.28 -0.41 1.89
C PRO A 89 12.42 -1.34 3.08
N ASN A 90 12.94 -0.83 4.21
CA ASN A 90 13.24 -1.64 5.38
C ASN A 90 12.12 -1.55 6.44
N TRP A 91 10.89 -1.24 6.00
CA TRP A 91 9.72 -1.16 6.89
C TRP A 91 9.50 -2.44 7.70
N ALA A 92 9.98 -3.60 7.22
CA ALA A 92 9.79 -4.87 7.93
C ALA A 92 11.10 -5.58 8.24
N LYS A 93 12.17 -4.80 8.37
CA LYS A 93 13.51 -5.37 8.53
C LYS A 93 13.62 -6.25 9.77
N LEU A 94 12.98 -5.84 10.89
CA LEU A 94 13.05 -6.62 12.11
C LEU A 94 12.45 -8.02 11.92
N PHE A 95 11.44 -8.16 11.05
CA PHE A 95 10.69 -9.38 10.85
C PHE A 95 11.32 -10.25 9.75
N PHE A 96 11.82 -9.63 8.66
CA PHE A 96 12.14 -10.39 7.46
C PHE A 96 13.63 -10.46 7.12
N ASN A 97 14.49 -9.67 7.77
CA ASN A 97 15.89 -9.53 7.37
C ASN A 97 16.65 -10.87 7.37
N ASN A 98 16.61 -11.64 8.46
CA ASN A 98 17.37 -12.89 8.44
C ASN A 98 16.80 -13.96 9.35
N LYS A 99 17.19 -15.19 8.98
CA LYS A 99 16.60 -16.36 9.59
C LYS A 99 17.14 -16.58 11.00
N GLY A 100 18.32 -16.08 11.36
CA GLY A 100 18.82 -16.26 12.71
C GLY A 100 17.98 -15.49 13.73
N VAL A 101 17.74 -14.21 13.40
CA VAL A 101 16.87 -13.37 14.19
C VAL A 101 15.47 -13.97 14.27
N ALA A 102 14.95 -14.47 13.13
CA ALA A 102 13.64 -15.08 13.04
C ALA A 102 13.51 -16.30 13.97
N ALA A 103 14.56 -17.12 14.04
CA ALA A 103 14.55 -18.32 14.89
C ALA A 103 14.53 -17.91 16.36
N ASN A 104 15.37 -16.92 16.75
CA ASN A 104 15.48 -16.51 18.14
C ASN A 104 14.16 -15.90 18.64
N THR A 105 13.58 -15.01 17.83
CA THR A 105 12.35 -14.34 18.23
C THR A 105 11.18 -15.32 18.24
N THR A 106 11.03 -16.17 17.21
CA THR A 106 9.86 -17.07 17.16
C THR A 106 9.97 -18.20 18.20
N ASP A 107 11.17 -18.49 18.67
CA ASP A 107 11.35 -19.48 19.74
C ASP A 107 10.67 -19.04 21.03
N VAL A 108 10.49 -17.71 21.27
CA VAL A 108 9.95 -17.24 22.55
C VAL A 108 8.77 -16.29 22.41
N CYS A 109 8.35 -15.89 21.20
CA CYS A 109 7.38 -14.81 21.05
C CYS A 109 6.04 -15.15 21.70
N GLU A 110 5.70 -16.44 21.77
CA GLU A 110 4.39 -16.85 22.28
C GLU A 110 4.27 -16.57 23.77
N GLN A 111 5.36 -16.30 24.47
CA GLN A 111 5.34 -16.01 25.90
C GLN A 111 4.89 -14.58 26.17
N TYR A 112 4.79 -13.73 25.14
CA TYR A 112 4.49 -12.32 25.35
C TYR A 112 3.03 -12.04 25.03
N PRO A 113 2.46 -10.92 25.53
CA PRO A 113 1.08 -10.57 25.21
C PRO A 113 0.88 -10.16 23.75
N PRO A 114 -0.25 -10.59 23.13
CA PRO A 114 -0.48 -10.35 21.71
C PRO A 114 -0.62 -8.87 21.31
N ASP A 115 -1.12 -8.01 22.20
CA ASP A 115 -1.58 -6.69 21.76
C ASP A 115 -0.84 -5.54 22.44
N ASP A 116 0.37 -5.81 22.93
CA ASP A 116 1.12 -4.79 23.66
C ASP A 116 1.76 -3.78 22.71
N MET A 117 1.08 -2.63 22.55
CA MET A 117 1.47 -1.64 21.58
C MET A 117 2.63 -0.80 22.08
N SER A 118 3.07 -0.99 23.33
CA SER A 118 4.19 -0.26 23.87
C SER A 118 5.49 -0.55 23.11
N VAL A 119 5.56 -1.72 22.43
CA VAL A 119 6.72 -2.03 21.59
C VAL A 119 6.92 -0.99 20.46
N TRP A 120 5.86 -0.24 20.08
CA TRP A 120 5.97 0.78 19.03
C TRP A 120 6.46 2.13 19.57
N ASN A 121 6.65 2.25 20.88
CA ASN A 121 7.12 3.49 21.50
C ASN A 121 8.55 3.29 21.94
N TRP A 122 9.44 4.15 21.45
CA TRP A 122 10.84 4.01 21.80
C TRP A 122 11.49 5.38 21.97
N ASP A 123 12.24 5.56 23.07
CA ASP A 123 12.59 6.86 23.63
C ASP A 123 11.34 7.71 23.77
N ALA B 3 -17.53 13.88 -25.69
CA ALA B 3 -17.04 14.38 -24.38
C ALA B 3 -17.45 15.84 -24.20
N THR B 4 -17.77 16.19 -22.95
CA THR B 4 -17.87 17.57 -22.52
C THR B 4 -16.62 17.85 -21.68
N ASP B 5 -16.55 19.09 -21.17
CA ASP B 5 -15.52 19.45 -20.19
C ASP B 5 -15.69 18.68 -18.89
N ASP B 6 -16.89 18.10 -18.62
CA ASP B 6 -17.13 17.49 -17.32
C ASP B 6 -17.47 15.99 -17.41
N TYR B 7 -17.63 15.46 -18.63
CA TYR B 7 -17.98 14.06 -18.81
C TYR B 7 -17.27 13.51 -20.03
N PRO B 8 -16.72 12.26 -20.07
CA PRO B 8 -16.75 11.32 -18.94
C PRO B 8 -15.76 11.53 -17.79
N ILE B 9 -14.78 12.43 -17.97
CA ILE B 9 -13.82 12.72 -16.93
C ILE B 9 -14.13 14.09 -16.36
N PRO B 10 -14.31 14.21 -15.02
CA PRO B 10 -14.65 15.49 -14.42
C PRO B 10 -13.61 16.55 -14.75
N ASN B 11 -14.08 17.78 -15.01
CA ASN B 11 -13.18 18.88 -15.30
C ASN B 11 -12.13 19.05 -14.20
N ARG B 12 -12.50 18.91 -12.92
CA ARG B 12 -11.54 19.08 -11.82
C ARG B 12 -10.38 18.09 -11.88
N ILE B 13 -10.65 16.86 -12.33
CA ILE B 13 -9.64 15.82 -12.46
C ILE B 13 -8.73 16.10 -13.66
N MET B 14 -9.30 16.68 -14.73
CA MET B 14 -8.50 17.05 -15.90
C MET B 14 -7.58 18.24 -15.60
N ARG B 15 -7.89 19.01 -14.54
CA ARG B 15 -7.13 20.20 -14.18
C ARG B 15 -6.25 20.04 -12.95
N THR B 16 -6.46 19.02 -12.11
CA THR B 16 -5.74 18.96 -10.84
C THR B 16 -4.24 18.77 -11.06
N PRO B 17 -3.36 19.47 -10.29
CA PRO B 17 -1.92 19.17 -10.30
C PRO B 17 -1.52 17.99 -9.41
N CYS B 18 -2.47 17.42 -8.69
CA CYS B 18 -2.22 16.38 -7.70
C CYS B 18 -1.87 15.04 -8.35
N THR B 19 -1.08 14.24 -7.62
CA THR B 19 -0.87 12.84 -7.98
C THR B 19 -2.12 12.02 -7.66
N ALA B 20 -2.16 10.82 -8.24
CA ALA B 20 -3.16 9.82 -7.88
C ALA B 20 -3.16 9.60 -6.36
N GLU B 21 -1.96 9.54 -5.77
CA GLU B 21 -1.77 9.27 -4.36
C GLU B 21 -2.36 10.38 -3.50
N GLN B 22 -2.21 11.63 -3.94
CA GLN B 22 -2.83 12.75 -3.26
C GLN B 22 -4.35 12.66 -3.29
N ILE B 23 -4.92 12.36 -4.46
CA ILE B 23 -6.37 12.21 -4.59
C ILE B 23 -6.87 11.09 -3.69
N MET B 24 -6.15 9.96 -3.69
CA MET B 24 -6.59 8.80 -2.93
C MET B 24 -6.52 9.09 -1.42
N ALA B 25 -5.44 9.73 -0.96
CA ALA B 25 -5.30 10.10 0.44
C ALA B 25 -6.44 11.05 0.83
N ALA B 26 -6.77 12.02 -0.03
CA ALA B 26 -7.89 12.91 0.21
C ALA B 26 -9.18 12.08 0.32
N ALA B 27 -9.43 11.19 -0.63
CA ALA B 27 -10.64 10.36 -0.61
C ALA B 27 -10.75 9.57 0.70
N ARG B 28 -9.62 9.02 1.16
CA ARG B 28 -9.54 8.22 2.37
C ARG B 28 -10.10 9.02 3.54
N ASP B 29 -9.84 10.33 3.55
CA ASP B 29 -10.30 11.21 4.61
C ASP B 29 -11.68 11.82 4.36
N VAL B 30 -11.98 12.31 3.15
CA VAL B 30 -13.19 13.10 2.93
C VAL B 30 -14.28 12.31 2.20
N GLU B 31 -13.93 11.22 1.52
CA GLU B 31 -14.91 10.37 0.85
C GLU B 31 -14.56 8.91 1.15
N PRO B 32 -14.46 8.51 2.44
CA PRO B 32 -13.90 7.21 2.79
C PRO B 32 -14.66 6.03 2.22
N VAL B 33 -15.99 6.14 2.10
N VAL B 33 -15.99 6.13 2.06
CA VAL B 33 -16.79 5.08 1.50
CA VAL B 33 -16.74 5.01 1.52
C VAL B 33 -16.31 4.78 0.07
C VAL B 33 -16.36 4.77 0.05
N TYR B 34 -16.13 5.83 -0.72
CA TYR B 34 -15.68 5.69 -2.11
C TYR B 34 -14.26 5.11 -2.20
N TYR B 35 -13.37 5.55 -1.28
CA TYR B 35 -12.01 5.03 -1.25
C TYR B 35 -12.04 3.53 -0.97
N GLU B 36 -12.82 3.12 0.05
CA GLU B 36 -12.86 1.75 0.50
C GLU B 36 -13.51 0.84 -0.53
N ARG B 37 -14.55 1.33 -1.22
CA ARG B 37 -15.20 0.54 -2.26
C ARG B 37 -14.24 0.33 -3.43
N TYR B 38 -13.48 1.36 -3.77
CA TYR B 38 -12.49 1.22 -4.84
C TYR B 38 -11.41 0.21 -4.44
N MET B 39 -10.87 0.34 -3.21
CA MET B 39 -9.82 -0.54 -2.76
C MET B 39 -10.31 -1.99 -2.62
N THR B 40 -11.59 -2.21 -2.28
CA THR B 40 -12.19 -3.54 -2.24
C THR B 40 -12.15 -4.18 -3.62
N ASP B 41 -12.54 -3.41 -4.65
CA ASP B 41 -12.50 -3.85 -6.03
C ASP B 41 -11.05 -4.15 -6.44
N TYR B 42 -10.15 -3.19 -6.21
CA TYR B 42 -8.73 -3.31 -6.52
C TYR B 42 -8.10 -4.57 -5.90
N LYS B 43 -8.38 -4.83 -4.60
CA LYS B 43 -7.74 -5.92 -3.90
C LYS B 43 -8.20 -7.27 -4.43
N ASN B 44 -9.37 -7.34 -5.08
CA ASN B 44 -9.86 -8.57 -5.71
C ASN B 44 -9.21 -8.82 -7.08
N LYS B 45 -8.37 -7.92 -7.59
CA LYS B 45 -7.78 -8.13 -8.90
C LYS B 45 -6.42 -8.81 -8.75
N PRO B 46 -6.00 -9.61 -9.74
CA PRO B 46 -4.65 -10.19 -9.72
C PRO B 46 -3.58 -9.09 -9.78
N PRO B 47 -2.36 -9.38 -9.29
CA PRO B 47 -1.28 -8.40 -9.24
C PRO B 47 -0.99 -7.70 -10.57
N HIS B 48 -1.06 -8.42 -11.71
CA HIS B 48 -0.74 -7.79 -12.98
C HIS B 48 -1.76 -6.70 -13.33
N VAL B 49 -3.02 -6.89 -12.89
CA VAL B 49 -4.07 -5.92 -13.14
C VAL B 49 -3.92 -4.73 -12.20
N GLN B 50 -3.68 -5.01 -10.91
CA GLN B 50 -3.36 -3.97 -9.94
C GLN B 50 -2.23 -3.07 -10.45
N GLN B 51 -1.14 -3.68 -10.88
N GLN B 51 -1.15 -3.71 -10.89
CA GLN B 51 0.04 -2.92 -11.30
CA GLN B 51 0.06 -3.03 -11.36
C GLN B 51 -0.28 -2.10 -12.55
C GLN B 51 -0.28 -2.13 -12.55
N ALA B 52 -1.10 -2.66 -13.47
CA ALA B 52 -1.47 -1.93 -14.67
C ALA B 52 -2.30 -0.69 -14.33
N ALA B 53 -3.25 -0.82 -13.40
CA ALA B 53 -4.09 0.28 -12.98
C ALA B 53 -3.23 1.40 -12.39
N ARG B 54 -2.30 1.06 -11.47
CA ARG B 54 -1.41 2.06 -10.90
C ARG B 54 -0.58 2.74 -11.99
N ASP B 55 0.01 1.94 -12.88
CA ASP B 55 0.84 2.48 -13.96
C ASP B 55 0.04 3.45 -14.84
N ARG B 56 -1.20 3.06 -15.19
CA ARG B 56 -2.01 3.83 -16.13
C ARG B 56 -2.50 5.13 -15.47
N ILE B 57 -2.88 5.08 -14.17
CA ILE B 57 -3.34 6.30 -13.53
C ILE B 57 -2.16 7.27 -13.31
N HIS B 58 -0.98 6.73 -12.98
CA HIS B 58 0.24 7.55 -12.94
C HIS B 58 0.49 8.24 -14.27
N TRP B 59 0.39 7.47 -15.36
CA TRP B 59 0.54 8.03 -16.69
C TRP B 59 -0.49 9.11 -16.98
N PHE B 60 -1.77 8.86 -16.61
CA PHE B 60 -2.83 9.82 -16.85
C PHE B 60 -2.50 11.16 -16.20
N PHE B 61 -2.13 11.12 -14.91
CA PHE B 61 -1.84 12.35 -14.18
C PHE B 61 -0.52 12.99 -14.61
N SER B 62 0.34 12.26 -15.33
CA SER B 62 1.53 12.85 -15.93
C SER B 62 1.19 13.75 -17.14
N MET B 63 -0.01 13.59 -17.74
CA MET B 63 -0.39 14.44 -18.87
C MET B 63 -0.81 15.82 -18.37
N ASP B 64 -0.66 16.81 -19.27
CA ASP B 64 -1.21 18.13 -19.06
C ASP B 64 -2.70 18.13 -19.39
N TYR B 65 -3.34 19.30 -19.28
CA TYR B 65 -4.75 19.46 -19.53
C TYR B 65 -5.11 18.98 -20.94
N ALA B 66 -4.29 19.37 -21.92
CA ALA B 66 -4.54 19.03 -23.32
C ALA B 66 -4.62 17.51 -23.48
N GLY B 67 -3.66 16.79 -22.88
CA GLY B 67 -3.60 15.33 -22.98
C GLY B 67 -4.76 14.66 -22.26
N ARG B 68 -5.09 15.14 -21.06
CA ARG B 68 -6.21 14.57 -20.31
C ARG B 68 -7.53 14.80 -21.04
N ARG B 69 -7.70 15.98 -21.63
CA ARG B 69 -8.91 16.28 -22.39
C ARG B 69 -9.02 15.38 -23.62
N GLN B 70 -7.90 15.16 -24.33
CA GLN B 70 -7.92 14.30 -25.51
C GLN B 70 -8.26 12.86 -25.11
N TYR B 71 -7.71 12.41 -23.99
CA TYR B 71 -8.03 11.08 -23.43
C TYR B 71 -9.53 10.97 -23.14
N SER B 72 -10.12 11.98 -22.51
CA SER B 72 -11.55 12.02 -22.24
C SER B 72 -12.38 11.92 -23.54
N GLU B 73 -11.97 12.65 -24.57
CA GLU B 73 -12.63 12.62 -25.87
C GLU B 73 -12.55 11.21 -26.49
N ASN B 74 -11.35 10.62 -26.43
CA ASN B 74 -11.09 9.32 -27.00
C ASN B 74 -11.99 8.28 -26.33
N THR B 75 -12.07 8.32 -25.00
CA THR B 75 -12.84 7.33 -24.23
C THR B 75 -14.34 7.61 -24.36
N ALA B 76 -14.77 8.89 -24.54
CA ALA B 76 -16.16 9.21 -24.80
C ALA B 76 -16.63 8.60 -26.11
N THR B 77 -15.79 8.66 -27.15
CA THR B 77 -16.19 8.20 -28.48
C THR B 77 -16.02 6.68 -28.61
N ASP B 78 -15.14 6.04 -27.82
CA ASP B 78 -14.88 4.62 -27.96
C ASP B 78 -14.69 4.01 -26.56
N ALA B 79 -15.71 3.24 -26.12
CA ALA B 79 -15.74 2.51 -24.86
C ALA B 79 -14.55 1.56 -24.67
N PHE B 80 -13.88 1.18 -25.77
CA PHE B 80 -12.80 0.20 -25.70
C PHE B 80 -11.46 0.82 -26.08
N PHE B 81 -11.43 2.16 -26.15
CA PHE B 81 -10.19 2.89 -26.36
C PHE B 81 -9.15 2.54 -25.27
N GLU B 82 -9.61 2.48 -24.01
CA GLU B 82 -8.74 2.16 -22.90
C GLU B 82 -8.66 0.63 -22.76
N GLN B 83 -7.47 0.08 -23.02
CA GLN B 83 -7.19 -1.36 -22.91
C GLN B 83 -7.59 -1.92 -21.54
N LEU B 84 -7.40 -1.16 -20.46
CA LEU B 84 -7.71 -1.68 -19.12
C LEU B 84 -9.18 -2.04 -18.98
N ALA B 85 -10.05 -1.34 -19.70
CA ALA B 85 -11.48 -1.60 -19.63
C ALA B 85 -11.85 -2.97 -20.21
N TRP B 86 -10.99 -3.54 -21.04
CA TRP B 86 -11.20 -4.88 -21.59
C TRP B 86 -11.16 -5.92 -20.48
N MET B 87 -10.54 -5.59 -19.33
CA MET B 87 -10.38 -6.53 -18.22
C MET B 87 -11.05 -5.98 -16.95
N TRP B 88 -10.98 -4.66 -16.72
CA TRP B 88 -11.48 -4.06 -15.50
C TRP B 88 -12.05 -2.66 -15.80
N PRO B 89 -13.31 -2.58 -16.26
CA PRO B 89 -13.89 -1.29 -16.64
C PRO B 89 -13.83 -0.20 -15.56
N ASN B 90 -13.88 -0.59 -14.28
CA ASN B 90 -13.88 0.35 -13.16
C ASN B 90 -12.49 0.55 -12.55
N TRP B 91 -11.42 0.30 -13.31
CA TRP B 91 -10.03 0.48 -12.87
C TRP B 91 -9.77 1.89 -12.33
N ALA B 92 -10.52 2.89 -12.85
CA ALA B 92 -10.31 4.29 -12.47
C ALA B 92 -11.55 4.92 -11.82
N LYS B 93 -12.40 4.09 -11.22
CA LYS B 93 -13.69 4.55 -10.72
C LYS B 93 -13.56 5.67 -9.70
N LEU B 94 -12.57 5.55 -8.80
CA LEU B 94 -12.39 6.53 -7.74
C LEU B 94 -12.06 7.90 -8.33
N PHE B 95 -11.35 7.92 -9.47
CA PHE B 95 -10.85 9.14 -10.08
C PHE B 95 -11.89 9.76 -11.03
N PHE B 96 -12.60 8.92 -11.81
CA PHE B 96 -13.33 9.44 -12.96
C PHE B 96 -14.85 9.37 -12.82
N ASN B 97 -15.35 8.48 -11.95
CA ASN B 97 -16.74 8.07 -12.03
C ASN B 97 -17.67 9.17 -11.51
N ASN B 98 -17.27 9.92 -10.48
CA ASN B 98 -18.26 10.65 -9.68
C ASN B 98 -17.79 12.10 -9.52
N LYS B 99 -18.61 13.03 -9.98
CA LYS B 99 -18.22 14.44 -10.02
C LYS B 99 -18.11 15.05 -8.62
N GLY B 100 -18.95 14.57 -7.69
CA GLY B 100 -18.96 15.07 -6.33
C GLY B 100 -17.69 14.66 -5.59
N VAL B 101 -17.34 13.39 -5.70
CA VAL B 101 -16.09 12.87 -5.18
C VAL B 101 -14.90 13.63 -5.77
N ALA B 102 -14.92 13.89 -7.09
CA ALA B 102 -13.83 14.59 -7.76
C ALA B 102 -13.66 16.01 -7.21
N ALA B 103 -14.78 16.71 -6.96
CA ALA B 103 -14.71 18.06 -6.43
C ALA B 103 -14.18 18.06 -4.99
N ASN B 104 -14.65 17.13 -4.17
CA ASN B 104 -14.26 17.10 -2.76
C ASN B 104 -12.79 16.68 -2.60
N THR B 105 -12.33 15.69 -3.38
CA THR B 105 -10.94 15.28 -3.31
C THR B 105 -10.01 16.36 -3.87
N THR B 106 -10.32 16.93 -5.04
CA THR B 106 -9.40 17.91 -5.64
C THR B 106 -9.38 19.24 -4.86
N ASP B 107 -10.41 19.51 -4.06
CA ASP B 107 -10.42 20.67 -3.17
C ASP B 107 -9.27 20.62 -2.16
N VAL B 108 -8.85 19.42 -1.71
CA VAL B 108 -7.91 19.29 -0.60
C VAL B 108 -6.67 18.44 -0.92
N CYS B 109 -6.57 17.88 -2.13
CA CYS B 109 -5.56 16.84 -2.37
C CYS B 109 -4.14 17.42 -2.23
N GLU B 110 -3.95 18.72 -2.46
CA GLU B 110 -2.61 19.29 -2.47
C GLU B 110 -1.97 19.28 -1.09
N GLN B 111 -2.75 19.10 -0.01
CA GLN B 111 -2.14 19.08 1.31
C GLN B 111 -1.55 17.71 1.65
N TYR B 112 -1.74 16.70 0.81
CA TYR B 112 -1.24 15.36 1.11
C TYR B 112 0.12 15.12 0.47
N PRO B 113 0.89 14.12 0.97
CA PRO B 113 2.19 13.80 0.40
C PRO B 113 2.04 13.23 -1.01
N PRO B 114 2.76 13.77 -2.01
CA PRO B 114 2.67 13.27 -3.39
C PRO B 114 3.11 11.82 -3.56
N ASP B 115 3.96 11.34 -2.64
CA ASP B 115 4.65 10.06 -2.76
C ASP B 115 4.16 9.01 -1.75
N ASP B 116 2.97 9.20 -1.20
CA ASP B 116 2.45 8.26 -0.22
C ASP B 116 1.83 7.08 -0.96
N MET B 117 2.67 6.10 -1.28
CA MET B 117 2.22 4.94 -2.02
C MET B 117 1.43 3.97 -1.14
N SER B 118 1.38 4.24 0.18
CA SER B 118 0.68 3.37 1.12
C SER B 118 -0.83 3.43 0.91
N VAL B 119 -1.34 4.43 0.15
CA VAL B 119 -2.75 4.45 -0.25
C VAL B 119 -3.16 3.19 -1.03
N TRP B 120 -2.20 2.50 -1.66
CA TRP B 120 -2.45 1.31 -2.46
C TRP B 120 -2.49 0.04 -1.61
N ASN B 121 -2.27 0.14 -0.30
CA ASN B 121 -2.44 -0.96 0.63
C ASN B 121 -3.69 -0.65 1.47
N TRP B 122 -4.69 -1.51 1.40
CA TRP B 122 -5.83 -1.34 2.29
C TRP B 122 -6.25 -2.73 2.78
N ASP B 123 -6.10 -2.97 4.09
CA ASP B 123 -6.09 -4.32 4.66
C ASP B 123 -6.91 -4.35 5.95
#